data_9BHJ
#
_entry.id   9BHJ
#
_cell.length_a   79.620
_cell.length_b   79.620
_cell.length_c   135.203
_cell.angle_alpha   90.000
_cell.angle_beta   90.000
_cell.angle_gamma   90.000
#
_symmetry.space_group_name_H-M   'P 43 21 2'
#
loop_
_entity.id
_entity.type
_entity.pdbx_description
1 polymer 'Tyrosine-protein kinase Mer'
2 non-polymer "6-{1-[([1,1'-biphenyl]-4-yl)carbamoyl]azetidin-3-yl}-3-[(1-methyl-1H-pyrazol-4-yl)amino]pyrazine-2-carboxamide"
3 non-polymer 'CHLORIDE ION'
4 water water
#
_entity_poly.entity_id   1
_entity_poly.type   'polypeptide(L)'
_entity_poly.pdbx_seq_one_letter_code
;MSYYHHHHHHDYDIPTTENLYFQGAMDPEDVVIDRNLLILGKILGEGEFGSVMEGNLKQEDGTSLKVAVKTMKLDNSSQR
EIEEFLSEAACMKDFSHPNVIRLLGVCIEMSSQGIPKPMVILPFMKYGDLHTYLLYSRLETGPKHIPLQTLLKFMVDIAL
GMEYLSNRNFLHRDLAARNCMLRDDMTVCVADFGLSKKIYSGDYYRQGRIAKMPVKWIAIESLADRVYTSKSDVWAFGVT
MWEIATRGMTPYPGVQNHEMYDYLLHGHRLKQPEDCLDELYEIMYSCWRTDPLDRPTFSVLRLQLEKLLESLPDVRNQAD
VIY
;
_entity_poly.pdbx_strand_id   A
#
loop_
_chem_comp.id
_chem_comp.type
_chem_comp.name
_chem_comp.formula
A1APG non-polymer 6-{1-[([1,1'-biphenyl]-4-yl)carbamoyl]azetidin-3-yl}-3-[(1-methyl-1H-pyrazol-4-yl)amino]pyrazine-2-carboxamide 'C25 H24 N8 O2'
CL non-polymer 'CHLORIDE ION' 'Cl -1'
#
# COMPACT_ATOMS: atom_id res chain seq x y z
N ALA A 25 -11.32 -23.95 -10.14
CA ALA A 25 -10.68 -24.08 -8.83
C ALA A 25 -9.55 -25.11 -8.85
N MET A 26 -8.82 -25.19 -9.98
CA MET A 26 -7.72 -26.13 -10.18
C MET A 26 -6.58 -25.96 -9.17
N ASP A 27 -6.22 -24.71 -8.89
CA ASP A 27 -5.14 -24.30 -7.97
C ASP A 27 -3.80 -24.98 -8.29
N PRO A 28 -3.12 -24.59 -9.39
CA PRO A 28 -1.84 -25.23 -9.72
C PRO A 28 -0.66 -24.79 -8.85
N GLU A 29 -0.77 -23.63 -8.19
CA GLU A 29 0.32 -23.11 -7.35
C GLU A 29 0.17 -23.44 -5.85
N ASP A 30 -0.90 -24.13 -5.46
CA ASP A 30 -1.20 -24.56 -4.09
C ASP A 30 -1.24 -23.41 -3.09
N VAL A 31 -2.00 -22.36 -3.45
CA VAL A 31 -2.18 -21.15 -2.64
C VAL A 31 -3.43 -21.23 -1.74
N VAL A 32 -4.39 -22.10 -2.07
CA VAL A 32 -5.61 -22.23 -1.31
C VAL A 32 -5.41 -22.95 0.03
N ILE A 33 -5.93 -22.37 1.09
CA ILE A 33 -5.88 -22.93 2.43
C ILE A 33 -7.28 -23.45 2.72
N ASP A 34 -7.38 -24.68 3.23
CA ASP A 34 -8.67 -25.28 3.56
C ASP A 34 -9.53 -24.38 4.48
N ARG A 35 -10.76 -24.03 4.05
CA ARG A 35 -11.71 -23.16 4.77
C ARG A 35 -12.00 -23.63 6.19
N ASN A 36 -11.99 -24.96 6.41
CA ASN A 36 -12.20 -25.54 7.73
C ASN A 36 -11.10 -25.12 8.74
N LEU A 37 -9.90 -24.74 8.26
CA LEU A 37 -8.82 -24.32 9.15
C LEU A 37 -8.92 -22.86 9.61
N LEU A 38 -9.98 -22.15 9.24
CA LEU A 38 -10.07 -20.73 9.55
C LEU A 38 -11.36 -20.31 10.20
N ILE A 39 -11.25 -19.69 11.39
CA ILE A 39 -12.39 -19.18 12.15
C ILE A 39 -12.34 -17.65 12.20
N LEU A 40 -13.39 -17.00 11.68
CA LEU A 40 -13.44 -15.55 11.60
C LEU A 40 -13.82 -14.85 12.90
N GLY A 41 -12.87 -14.08 13.43
CA GLY A 41 -13.01 -13.29 14.65
C GLY A 41 -13.71 -11.96 14.43
N LYS A 42 -13.27 -10.90 15.13
CA LYS A 42 -13.92 -9.59 15.04
C LYS A 42 -13.54 -8.77 13.77
N ILE A 43 -14.41 -7.85 13.38
CA ILE A 43 -14.17 -6.98 12.24
C ILE A 43 -13.26 -5.81 12.65
N LEU A 44 -12.21 -5.54 11.85
CA LEU A 44 -11.22 -4.49 12.09
C LEU A 44 -11.43 -3.26 11.21
N GLY A 45 -11.93 -3.47 10.00
CA GLY A 45 -12.17 -2.39 9.04
C GLY A 45 -13.21 -2.78 8.01
N GLU A 46 -14.02 -1.82 7.54
CA GLU A 46 -15.07 -2.08 6.56
C GLU A 46 -15.16 -0.99 5.51
N GLY A 47 -15.02 -1.38 4.25
CA GLY A 47 -15.10 -0.45 3.12
C GLY A 47 -16.08 -0.90 2.04
N GLU A 48 -16.23 -0.08 0.99
CA GLU A 48 -17.14 -0.38 -0.11
C GLU A 48 -16.83 -1.68 -0.85
N PHE A 49 -15.54 -2.07 -0.92
CA PHE A 49 -15.11 -3.27 -1.64
C PHE A 49 -14.64 -4.42 -0.73
N GLY A 50 -15.12 -4.46 0.51
CA GLY A 50 -14.74 -5.55 1.41
C GLY A 50 -14.42 -5.15 2.83
N SER A 51 -13.82 -6.08 3.59
CA SER A 51 -13.52 -5.83 4.98
C SER A 51 -12.28 -6.59 5.49
N VAL A 52 -11.66 -6.08 6.55
CA VAL A 52 -10.53 -6.76 7.18
C VAL A 52 -11.01 -7.33 8.52
N MET A 53 -10.72 -8.60 8.80
CA MET A 53 -11.18 -9.26 10.01
C MET A 53 -10.10 -10.03 10.72
N GLU A 54 -10.21 -10.17 12.04
CA GLU A 54 -9.28 -11.00 12.82
C GLU A 54 -9.61 -12.46 12.54
N GLY A 55 -8.66 -13.36 12.79
CA GLY A 55 -8.89 -14.77 12.53
C GLY A 55 -7.86 -15.71 13.11
N ASN A 56 -8.22 -16.98 13.21
CA ASN A 56 -7.32 -18.00 13.71
C ASN A 56 -7.14 -19.08 12.69
N LEU A 57 -5.89 -19.30 12.32
CA LEU A 57 -5.54 -20.30 11.34
C LEU A 57 -4.96 -21.52 12.04
N LYS A 58 -5.77 -22.57 12.17
CA LYS A 58 -5.38 -23.82 12.82
C LYS A 58 -4.26 -24.47 12.01
N GLN A 59 -3.02 -24.37 12.51
CA GLN A 59 -1.86 -24.97 11.84
C GLN A 59 -1.93 -26.51 11.96
N GLU A 60 -1.19 -27.21 11.09
CA GLU A 60 -1.13 -28.68 11.03
C GLU A 60 -0.95 -29.38 12.40
N ASP A 61 -0.17 -28.75 13.31
CA ASP A 61 0.11 -29.30 14.64
C ASP A 61 -0.92 -28.90 15.73
N GLY A 62 -2.11 -28.47 15.31
CA GLY A 62 -3.19 -28.10 16.23
C GLY A 62 -3.14 -26.69 16.79
N THR A 63 -1.99 -26.01 16.66
CA THR A 63 -1.79 -24.67 17.18
C THR A 63 -2.46 -23.60 16.29
N SER A 64 -3.39 -22.79 16.83
CA SER A 64 -4.01 -21.72 16.05
C SER A 64 -3.08 -20.50 15.98
N LEU A 65 -3.02 -19.84 14.80
CA LEU A 65 -2.17 -18.68 14.58
C LEU A 65 -3.02 -17.44 14.34
N LYS A 66 -2.62 -16.28 14.88
CA LYS A 66 -3.37 -15.04 14.67
C LYS A 66 -3.12 -14.48 13.28
N VAL A 67 -4.18 -14.36 12.49
CA VAL A 67 -4.08 -13.86 11.12
C VAL A 67 -5.15 -12.76 10.86
N ALA A 68 -4.96 -11.99 9.78
CA ALA A 68 -5.95 -11.01 9.33
C ALA A 68 -6.56 -11.55 8.03
N VAL A 69 -7.84 -11.29 7.79
CA VAL A 69 -8.55 -11.82 6.64
C VAL A 69 -9.16 -10.70 5.84
N LYS A 70 -8.84 -10.64 4.54
CA LYS A 70 -9.39 -9.61 3.67
C LYS A 70 -10.48 -10.25 2.83
N THR A 71 -11.71 -9.75 2.92
CA THR A 71 -12.82 -10.27 2.15
C THR A 71 -13.23 -9.29 1.04
N MET A 72 -13.96 -9.78 0.02
CA MET A 72 -14.35 -8.95 -1.12
C MET A 72 -15.82 -8.52 -1.05
N GLN A 79 -17.90 -10.64 -13.81
CA GLN A 79 -16.75 -11.04 -13.01
C GLN A 79 -15.68 -11.79 -13.83
N ARG A 80 -14.48 -11.96 -13.26
CA ARG A 80 -13.33 -12.62 -13.88
C ARG A 80 -13.11 -14.04 -13.28
N GLU A 81 -12.57 -14.99 -14.09
CA GLU A 81 -12.28 -16.37 -13.65
C GLU A 81 -11.38 -16.35 -12.41
N ILE A 82 -11.90 -16.83 -11.23
CA ILE A 82 -11.23 -16.88 -9.92
C ILE A 82 -9.83 -17.51 -9.97
N GLU A 83 -9.56 -18.33 -10.98
CA GLU A 83 -8.25 -18.92 -11.16
C GLU A 83 -7.17 -17.86 -11.33
N GLU A 84 -7.51 -16.72 -11.96
CA GLU A 84 -6.56 -15.62 -12.16
C GLU A 84 -6.23 -14.93 -10.85
N PHE A 85 -7.23 -14.80 -9.96
CA PHE A 85 -7.06 -14.24 -8.63
C PHE A 85 -6.08 -15.11 -7.84
N LEU A 86 -6.24 -16.44 -7.89
CA LEU A 86 -5.36 -17.34 -7.18
C LEU A 86 -3.95 -17.30 -7.72
N SER A 87 -3.79 -17.12 -9.04
CA SER A 87 -2.46 -17.05 -9.64
C SER A 87 -1.76 -15.78 -9.17
N GLU A 88 -2.49 -14.65 -9.07
CA GLU A 88 -1.87 -13.42 -8.59
C GLU A 88 -1.49 -13.57 -7.13
N ALA A 89 -2.39 -14.17 -6.33
CA ALA A 89 -2.14 -14.46 -4.90
C ALA A 89 -0.88 -15.33 -4.74
N ALA A 90 -0.74 -16.39 -5.56
CA ALA A 90 0.42 -17.29 -5.55
C ALA A 90 1.69 -16.55 -5.87
N CYS A 91 1.64 -15.58 -6.80
CA CYS A 91 2.80 -14.79 -7.16
CA CYS A 91 2.81 -14.77 -7.16
C CYS A 91 3.23 -13.90 -5.99
N MET A 92 2.26 -13.30 -5.27
CA MET A 92 2.54 -12.45 -4.10
C MET A 92 3.01 -13.27 -2.91
N LYS A 93 2.57 -14.54 -2.82
CA LYS A 93 3.04 -15.45 -1.77
C LYS A 93 4.55 -15.70 -1.92
N ASP A 94 5.14 -15.53 -3.11
CA ASP A 94 6.57 -15.68 -3.34
C ASP A 94 7.40 -14.41 -3.04
N PHE A 95 6.75 -13.31 -2.62
CA PHE A 95 7.49 -12.08 -2.32
C PHE A 95 8.24 -12.32 -1.02
N SER A 96 9.55 -12.09 -1.02
CA SER A 96 10.35 -12.25 0.17
C SER A 96 11.19 -11.02 0.40
N HIS A 97 10.60 -10.04 1.06
CA HIS A 97 11.25 -8.78 1.42
C HIS A 97 10.63 -8.33 2.75
N PRO A 98 11.46 -7.91 3.71
CA PRO A 98 10.93 -7.46 5.02
C PRO A 98 10.01 -6.25 4.94
N ASN A 99 10.09 -5.44 3.89
CA ASN A 99 9.24 -4.28 3.71
C ASN A 99 8.09 -4.50 2.72
N VAL A 100 7.67 -5.75 2.51
CA VAL A 100 6.55 -6.09 1.64
C VAL A 100 5.74 -7.11 2.41
N ILE A 101 4.44 -6.89 2.61
CA ILE A 101 3.63 -7.87 3.37
C ILE A 101 3.61 -9.24 2.69
N ARG A 102 3.58 -10.33 3.47
CA ARG A 102 3.54 -11.66 2.88
C ARG A 102 2.20 -12.33 3.00
N LEU A 103 1.63 -12.64 1.87
CA LEU A 103 0.36 -13.33 1.75
C LEU A 103 0.57 -14.75 2.28
N LEU A 104 -0.35 -15.24 3.13
CA LEU A 104 -0.25 -16.58 3.67
C LEU A 104 -1.00 -17.60 2.79
N GLY A 105 -2.12 -17.18 2.24
CA GLY A 105 -2.95 -18.04 1.39
C GLY A 105 -4.28 -17.42 1.07
N VAL A 106 -5.18 -18.20 0.48
CA VAL A 106 -6.49 -17.72 0.10
C VAL A 106 -7.53 -18.76 0.50
N CYS A 107 -8.67 -18.34 1.07
CA CYS A 107 -9.76 -19.25 1.40
C CYS A 107 -10.94 -18.90 0.53
N ILE A 108 -11.72 -19.89 0.07
CA ILE A 108 -12.88 -19.59 -0.78
C ILE A 108 -14.19 -19.83 -0.01
N GLU A 109 -15.07 -18.81 0.01
CA GLU A 109 -16.35 -18.87 0.70
C GLU A 109 -17.52 -18.86 -0.29
N MET A 110 -18.59 -19.63 0.00
CA MET A 110 -19.75 -19.68 -0.89
C MET A 110 -20.92 -18.91 -0.30
N SER A 111 -21.10 -17.66 -0.71
CA SER A 111 -22.19 -16.82 -0.19
C SER A 111 -23.50 -17.00 -0.96
N SER A 112 -24.63 -16.72 -0.28
CA SER A 112 -26.01 -16.77 -0.79
C SER A 112 -26.34 -18.04 -1.67
N GLN A 113 -26.16 -18.00 -3.02
CA GLN A 113 -26.46 -19.15 -3.89
C GLN A 113 -25.25 -19.61 -4.72
N GLY A 114 -24.32 -20.30 -4.05
CA GLY A 114 -23.13 -20.87 -4.66
C GLY A 114 -22.25 -19.93 -5.48
N ILE A 115 -21.58 -18.97 -4.83
CA ILE A 115 -20.68 -18.07 -5.53
C ILE A 115 -19.32 -18.02 -4.84
N PRO A 116 -18.24 -18.36 -5.56
CA PRO A 116 -16.92 -18.38 -4.92
C PRO A 116 -16.41 -16.99 -4.61
N LYS A 117 -16.10 -16.73 -3.33
CA LYS A 117 -15.61 -15.45 -2.86
C LYS A 117 -14.29 -15.66 -2.18
N PRO A 118 -13.19 -15.16 -2.77
CA PRO A 118 -11.87 -15.36 -2.14
C PRO A 118 -11.66 -14.50 -0.90
N MET A 119 -10.74 -14.94 -0.03
CA MET A 119 -10.39 -14.29 1.22
C MET A 119 -8.89 -14.36 1.37
N VAL A 120 -8.23 -13.21 1.42
CA VAL A 120 -6.79 -13.16 1.53
C VAL A 120 -6.38 -13.33 2.97
N ILE A 121 -5.48 -14.27 3.24
CA ILE A 121 -5.03 -14.52 4.60
C ILE A 121 -3.68 -13.85 4.77
N LEU A 122 -3.60 -12.89 5.68
CA LEU A 122 -2.37 -12.14 5.91
C LEU A 122 -1.87 -12.33 7.34
N PRO A 123 -0.58 -12.08 7.62
CA PRO A 123 -0.13 -12.13 9.02
C PRO A 123 -0.80 -10.99 9.79
N PHE A 124 -1.16 -11.24 11.06
CA PHE A 124 -1.79 -10.21 11.88
C PHE A 124 -0.76 -9.20 12.28
N MET A 125 -1.08 -7.93 12.08
CA MET A 125 -0.22 -6.83 12.43
C MET A 125 -0.90 -5.85 13.38
N LYS A 126 -0.58 -6.06 14.68
CA LYS A 126 -1.03 -5.39 15.92
C LYS A 126 -1.24 -3.89 15.77
N TYR A 127 -0.20 -3.20 15.27
CA TYR A 127 -0.12 -1.76 15.19
C TYR A 127 -0.97 -1.10 14.09
N GLY A 128 -1.50 -1.90 13.16
CA GLY A 128 -2.34 -1.41 12.10
C GLY A 128 -1.60 -0.62 11.04
N ASP A 129 -2.34 0.28 10.36
CA ASP A 129 -1.75 1.05 9.29
C ASP A 129 -0.97 2.26 9.78
N LEU A 130 -0.03 2.70 8.94
CA LEU A 130 0.86 3.80 9.23
C LEU A 130 0.13 5.12 9.32
N HIS A 131 -0.90 5.33 8.50
CA HIS A 131 -1.62 6.61 8.52
C HIS A 131 -2.27 6.86 9.87
N THR A 132 -3.03 5.86 10.38
CA THR A 132 -3.69 5.98 11.67
C THR A 132 -2.68 6.15 12.78
N TYR A 133 -1.58 5.40 12.73
CA TYR A 133 -0.48 5.47 13.69
C TYR A 133 0.08 6.90 13.81
N LEU A 134 0.36 7.55 12.67
CA LEU A 134 0.85 8.93 12.64
C LEU A 134 -0.15 9.89 13.36
N LEU A 135 -1.47 9.71 13.15
CA LEU A 135 -2.49 10.53 13.79
C LEU A 135 -2.50 10.29 15.29
N TYR A 136 -2.48 9.02 15.69
CA TYR A 136 -2.44 8.63 17.10
C TYR A 136 -1.24 9.22 17.82
N SER A 137 -0.09 9.32 17.14
CA SER A 137 1.13 9.88 17.73
C SER A 137 0.99 11.35 18.12
N ARG A 138 -0.02 12.05 17.59
CA ARG A 138 -0.29 13.44 17.95
C ARG A 138 -1.28 13.56 19.13
N LEU A 139 -1.56 12.46 19.81
CA LEU A 139 -2.38 12.40 21.00
C LEU A 139 -1.45 11.99 22.16
N GLU A 140 -1.71 12.48 23.37
CA GLU A 140 -0.94 12.12 24.56
C GLU A 140 -0.95 10.61 24.82
N THR A 141 -2.05 9.92 24.52
CA THR A 141 -2.16 8.48 24.75
C THR A 141 -1.51 7.60 23.68
N GLY A 142 -1.29 8.15 22.50
CA GLY A 142 -0.73 7.37 21.41
C GLY A 142 0.76 7.18 21.58
N PRO A 143 1.39 6.60 20.55
CA PRO A 143 2.85 6.51 20.58
C PRO A 143 3.49 7.90 20.79
N LYS A 144 4.65 7.96 21.43
CA LYS A 144 5.32 9.23 21.67
C LYS A 144 5.55 10.04 20.38
N HIS A 145 5.85 11.34 20.49
CA HIS A 145 6.15 12.20 19.34
C HIS A 145 7.22 11.53 18.44
N ILE A 146 6.88 11.31 17.18
CA ILE A 146 7.80 10.62 16.29
C ILE A 146 8.95 11.54 15.91
N PRO A 147 10.19 11.20 16.29
CA PRO A 147 11.34 12.03 15.89
C PRO A 147 11.53 12.03 14.37
N LEU A 148 12.11 13.11 13.79
CA LEU A 148 12.35 13.23 12.35
C LEU A 148 13.08 12.04 11.77
N GLN A 149 14.07 11.50 12.50
CA GLN A 149 14.84 10.37 12.00
C GLN A 149 13.99 9.10 11.89
N THR A 150 13.00 8.94 12.77
CA THR A 150 12.10 7.81 12.70
C THR A 150 11.14 7.98 11.50
N LEU A 151 10.71 9.22 11.22
CA LEU A 151 9.84 9.55 10.09
C LEU A 151 10.58 9.21 8.78
N LEU A 152 11.85 9.63 8.70
CA LEU A 152 12.70 9.39 7.54
C LEU A 152 12.98 7.89 7.33
N LYS A 153 13.10 7.13 8.42
CA LYS A 153 13.25 5.68 8.39
C LYS A 153 11.99 4.97 7.85
N PHE A 154 10.79 5.51 8.13
CA PHE A 154 9.54 4.97 7.59
C PHE A 154 9.57 5.10 6.06
N MET A 155 10.01 6.25 5.55
CA MET A 155 10.10 6.51 4.12
C MET A 155 11.12 5.57 3.43
N VAL A 156 12.27 5.30 4.08
CA VAL A 156 13.30 4.40 3.54
C VAL A 156 12.72 3.00 3.42
N ASP A 157 12.02 2.52 4.46
CA ASP A 157 11.34 1.23 4.49
C ASP A 157 10.35 1.12 3.29
N ILE A 158 9.54 2.17 3.02
CA ILE A 158 8.59 2.13 1.93
C ILE A 158 9.31 2.13 0.60
N ALA A 159 10.39 2.92 0.47
CA ALA A 159 11.16 2.96 -0.76
C ALA A 159 11.84 1.61 -1.04
N LEU A 160 12.26 0.88 0.00
CA LEU A 160 12.87 -0.42 -0.14
C LEU A 160 11.83 -1.45 -0.64
N GLY A 161 10.62 -1.42 -0.08
CA GLY A 161 9.56 -2.33 -0.49
C GLY A 161 9.13 -2.05 -1.91
N MET A 162 9.00 -0.76 -2.26
CA MET A 162 8.62 -0.33 -3.60
C MET A 162 9.72 -0.61 -4.64
N GLU A 163 10.99 -0.54 -4.23
CA GLU A 163 12.12 -0.87 -5.10
C GLU A 163 12.04 -2.37 -5.47
N TYR A 164 11.74 -3.22 -4.48
CA TYR A 164 11.56 -4.67 -4.66
C TYR A 164 10.38 -4.99 -5.59
N LEU A 165 9.22 -4.35 -5.38
CA LEU A 165 8.06 -4.57 -6.25
C LEU A 165 8.33 -4.04 -7.66
N SER A 166 9.01 -2.91 -7.77
CA SER A 166 9.37 -2.26 -9.03
C SER A 166 10.25 -3.17 -9.89
N ASN A 167 11.20 -3.89 -9.25
CA ASN A 167 12.11 -4.84 -9.87
C ASN A 167 11.34 -6.02 -10.45
N ARG A 168 10.33 -6.49 -9.73
CA ARG A 168 9.44 -7.58 -10.15
C ARG A 168 8.37 -7.13 -11.16
N ASN A 169 8.44 -5.90 -11.69
CA ASN A 169 7.45 -5.37 -12.63
C ASN A 169 6.03 -5.22 -12.03
N PHE A 170 5.94 -5.01 -10.71
CA PHE A 170 4.66 -4.83 -10.07
C PHE A 170 4.30 -3.38 -9.94
N LEU A 171 3.11 -3.03 -10.40
CA LEU A 171 2.58 -1.70 -10.21
C LEU A 171 1.63 -1.82 -9.03
N HIS A 172 1.86 -1.01 -7.99
CA HIS A 172 1.00 -1.03 -6.81
C HIS A 172 -0.34 -0.33 -7.14
N ARG A 173 -0.28 0.89 -7.70
CA ARG A 173 -1.44 1.69 -8.10
C ARG A 173 -2.35 2.19 -6.92
N ASP A 174 -1.95 1.96 -5.67
CA ASP A 174 -2.69 2.49 -4.54
C ASP A 174 -1.76 2.83 -3.36
N LEU A 175 -0.53 3.26 -3.66
CA LEU A 175 0.44 3.57 -2.62
C LEU A 175 0.01 4.85 -1.87
N ALA A 176 -0.15 4.72 -0.56
CA ALA A 176 -0.56 5.76 0.39
C ALA A 176 -0.17 5.28 1.80
N ALA A 177 -0.06 6.19 2.77
CA ALA A 177 0.32 5.79 4.15
C ALA A 177 -0.72 4.85 4.78
N ARG A 178 -2.01 4.95 4.38
CA ARG A 178 -3.05 4.06 4.90
C ARG A 178 -2.87 2.61 4.43
N ASN A 179 -2.09 2.38 3.36
CA ASN A 179 -1.84 1.05 2.82
C ASN A 179 -0.45 0.51 3.15
N CYS A 180 0.22 1.12 4.11
CA CYS A 180 1.51 0.69 4.63
C CYS A 180 1.25 0.24 6.04
N MET A 181 1.67 -0.97 6.34
CA MET A 181 1.43 -1.58 7.64
C MET A 181 2.64 -1.50 8.55
N LEU A 182 2.39 -1.45 9.86
CA LEU A 182 3.48 -1.45 10.82
C LEU A 182 3.67 -2.81 11.43
N ARG A 183 4.87 -3.36 11.33
CA ARG A 183 5.16 -4.65 11.93
C ARG A 183 5.39 -4.47 13.44
N ASP A 184 5.39 -5.58 14.20
CA ASP A 184 5.61 -5.57 15.66
C ASP A 184 6.97 -4.98 16.04
N ASP A 185 7.98 -5.12 15.18
CA ASP A 185 9.30 -4.54 15.41
C ASP A 185 9.44 -3.09 14.88
N MET A 186 8.30 -2.45 14.54
CA MET A 186 8.19 -1.08 14.09
C MET A 186 8.78 -0.80 12.72
N THR A 187 8.93 -1.84 11.89
CA THR A 187 9.36 -1.60 10.51
C THR A 187 8.08 -1.55 9.66
N VAL A 188 8.12 -0.77 8.59
CA VAL A 188 6.96 -0.62 7.73
C VAL A 188 7.00 -1.56 6.55
N CYS A 189 5.83 -2.05 6.12
CA CYS A 189 5.76 -2.82 4.91
C CYS A 189 4.64 -2.32 4.00
N VAL A 190 4.90 -2.33 2.69
CA VAL A 190 3.90 -1.96 1.69
C VAL A 190 2.87 -3.11 1.62
N ALA A 191 1.60 -2.75 1.56
CA ALA A 191 0.53 -3.73 1.62
C ALA A 191 -0.68 -3.27 0.75
N ASP A 192 -1.83 -3.99 0.76
CA ASP A 192 -3.03 -3.66 0.01
C ASP A 192 -2.79 -3.75 -1.50
N PHE A 193 -2.60 -4.99 -1.97
CA PHE A 193 -2.33 -5.28 -3.36
C PHE A 193 -3.61 -5.59 -4.17
N GLY A 194 -4.77 -5.20 -3.65
CA GLY A 194 -6.04 -5.43 -4.33
C GLY A 194 -6.12 -4.80 -5.71
N LEU A 195 -5.47 -3.65 -5.91
CA LEU A 195 -5.50 -2.99 -7.22
C LEU A 195 -4.19 -3.06 -8.00
N SER A 196 -3.28 -3.91 -7.57
CA SER A 196 -2.00 -4.13 -8.19
C SER A 196 -2.12 -4.80 -9.55
N LYS A 197 -1.07 -4.68 -10.35
CA LYS A 197 -1.00 -5.39 -11.62
C LYS A 197 0.42 -5.54 -12.07
N LYS A 198 0.76 -6.72 -12.57
CA LYS A 198 2.07 -6.96 -13.19
C LYS A 198 2.04 -6.14 -14.51
N ILE A 199 3.16 -5.50 -14.88
CA ILE A 199 3.22 -4.74 -16.12
C ILE A 199 2.96 -5.71 -17.30
N TYR A 200 2.11 -5.26 -18.22
CA TYR A 200 1.68 -5.99 -19.40
C TYR A 200 0.56 -6.97 -19.13
N SER A 201 0.24 -7.29 -17.86
CA SER A 201 -0.87 -8.21 -17.58
C SER A 201 -2.27 -7.61 -17.83
N GLY A 202 -3.28 -8.47 -17.92
CA GLY A 202 -4.67 -8.05 -18.14
C GLY A 202 -5.20 -7.26 -16.96
N ASP A 203 -6.11 -6.32 -17.22
CA ASP A 203 -6.58 -5.42 -16.18
C ASP A 203 -8.07 -5.04 -16.30
N TYR A 204 -8.80 -5.62 -17.26
CA TYR A 204 -10.20 -5.27 -17.50
C TYR A 204 -11.09 -5.32 -16.26
N TYR A 205 -11.01 -6.43 -15.51
CA TYR A 205 -11.89 -6.62 -14.36
C TYR A 205 -11.48 -5.82 -13.10
N ARG A 206 -10.44 -4.96 -13.20
CA ARG A 206 -10.01 -4.06 -12.13
C ARG A 206 -10.43 -2.59 -12.43
N GLN A 207 -10.70 -2.26 -13.73
CA GLN A 207 -11.05 -0.93 -14.25
C GLN A 207 -12.15 -0.18 -13.46
N GLY A 208 -13.17 -0.89 -12.99
CA GLY A 208 -14.26 -0.29 -12.23
C GLY A 208 -13.82 0.21 -10.87
N ARG A 209 -12.94 -0.55 -10.23
CA ARG A 209 -12.39 -0.19 -8.92
C ARG A 209 -11.31 0.92 -9.07
N ILE A 210 -10.57 0.91 -10.18
CA ILE A 210 -9.52 1.88 -10.45
C ILE A 210 -10.11 3.29 -10.61
N ALA A 211 -11.28 3.38 -11.25
CA ALA A 211 -11.97 4.66 -11.46
C ALA A 211 -12.47 5.30 -10.14
N LYS A 212 -12.56 4.52 -9.05
CA LYS A 212 -13.01 5.03 -7.75
C LYS A 212 -11.84 5.32 -6.78
N MET A 213 -10.60 5.32 -7.27
CA MET A 213 -9.44 5.55 -6.41
C MET A 213 -9.33 6.99 -5.96
N PRO A 214 -8.84 7.24 -4.72
CA PRO A 214 -8.68 8.63 -4.25
C PRO A 214 -7.71 9.40 -5.17
N VAL A 215 -8.27 10.45 -5.73
CA VAL A 215 -7.69 11.33 -6.70
C VAL A 215 -6.43 12.08 -6.17
N LYS A 216 -6.33 12.33 -4.85
CA LYS A 216 -5.22 13.11 -4.33
C LYS A 216 -3.89 12.37 -4.28
N TRP A 217 -3.84 11.09 -4.66
CA TRP A 217 -2.59 10.33 -4.73
C TRP A 217 -2.20 9.99 -6.18
N ILE A 218 -3.04 10.35 -7.17
CA ILE A 218 -2.86 10.01 -8.58
C ILE A 218 -2.03 11.02 -9.36
N ALA A 219 -1.01 10.51 -10.08
CA ALA A 219 -0.10 11.31 -10.89
C ALA A 219 -0.87 12.11 -11.92
N ILE A 220 -0.40 13.33 -12.25
CA ILE A 220 -1.09 14.19 -13.22
C ILE A 220 -1.48 13.48 -14.55
N GLU A 221 -0.58 12.67 -15.13
CA GLU A 221 -0.84 11.96 -16.39
C GLU A 221 -1.82 10.78 -16.24
N SER A 222 -1.93 10.24 -15.03
CA SER A 222 -2.85 9.14 -14.76
C SER A 222 -4.25 9.64 -14.40
N LEU A 223 -4.44 10.96 -14.18
CA LEU A 223 -5.76 11.49 -13.84
C LEU A 223 -6.66 11.50 -15.07
N ALA A 224 -6.09 11.82 -16.24
CA ALA A 224 -6.82 11.86 -17.51
C ALA A 224 -7.66 10.57 -17.81
N ASP A 225 -7.02 9.38 -17.94
CA ASP A 225 -7.75 8.14 -18.24
C ASP A 225 -7.47 6.99 -17.27
N ARG A 226 -6.79 7.26 -16.15
CA ARG A 226 -6.45 6.28 -15.14
C ARG A 226 -5.54 5.17 -15.69
N VAL A 227 -4.46 5.59 -16.39
CA VAL A 227 -3.43 4.71 -16.97
C VAL A 227 -2.18 4.88 -16.10
N TYR A 228 -1.66 3.77 -15.55
CA TYR A 228 -0.53 3.86 -14.64
C TYR A 228 0.75 3.25 -15.19
N THR A 229 1.89 3.76 -14.73
CA THR A 229 3.24 3.27 -15.00
C THR A 229 3.97 3.17 -13.64
N SER A 230 5.23 2.72 -13.59
CA SER A 230 5.98 2.71 -12.33
C SER A 230 6.22 4.15 -11.84
N LYS A 231 6.22 5.13 -12.75
CA LYS A 231 6.33 6.55 -12.49
C LYS A 231 5.06 7.12 -11.84
N SER A 232 3.92 6.42 -11.95
CA SER A 232 2.68 6.79 -11.24
C SER A 232 2.86 6.42 -9.76
N ASP A 233 3.50 5.25 -9.48
CA ASP A 233 3.79 4.82 -8.12
C ASP A 233 4.84 5.74 -7.46
N VAL A 234 5.77 6.29 -8.25
CA VAL A 234 6.80 7.20 -7.76
C VAL A 234 6.11 8.50 -7.32
N TRP A 235 5.13 8.99 -8.09
CA TRP A 235 4.37 10.19 -7.72
C TRP A 235 3.64 9.96 -6.37
N ALA A 236 2.93 8.81 -6.23
CA ALA A 236 2.20 8.44 -5.01
C ALA A 236 3.14 8.21 -3.83
N PHE A 237 4.40 7.80 -4.08
CA PHE A 237 5.39 7.64 -3.02
C PHE A 237 5.79 9.01 -2.44
N GLY A 238 5.85 10.03 -3.28
CA GLY A 238 6.16 11.38 -2.83
C GLY A 238 5.02 11.90 -1.97
N VAL A 239 3.77 11.60 -2.37
CA VAL A 239 2.59 12.02 -1.61
C VAL A 239 2.62 11.29 -0.24
N THR A 240 2.94 9.99 -0.23
CA THR A 240 3.08 9.17 0.97
C THR A 240 4.18 9.77 1.91
N MET A 241 5.31 10.22 1.35
CA MET A 241 6.39 10.88 2.12
C MET A 241 5.86 12.18 2.76
N TRP A 242 5.08 12.98 2.04
CA TRP A 242 4.51 14.21 2.54
C TRP A 242 3.51 13.86 3.68
N GLU A 243 2.72 12.78 3.54
CA GLU A 243 1.79 12.33 4.57
C GLU A 243 2.56 11.99 5.86
N ILE A 244 3.70 11.30 5.73
CA ILE A 244 4.53 10.96 6.88
C ILE A 244 5.14 12.23 7.48
N ALA A 245 5.73 13.10 6.66
CA ALA A 245 6.35 14.34 7.15
C ALA A 245 5.34 15.27 7.88
N THR A 246 4.06 15.34 7.43
CA THR A 246 3.03 16.15 8.10
C THR A 246 2.33 15.41 9.25
N ARG A 247 2.71 14.14 9.50
CA ARG A 247 2.15 13.27 10.49
C ARG A 247 0.64 13.02 10.29
N GLY A 248 0.26 12.73 9.06
CA GLY A 248 -1.09 12.26 8.78
C GLY A 248 -2.08 13.23 8.19
N MET A 249 -1.63 14.41 7.77
CA MET A 249 -2.49 15.36 7.11
C MET A 249 -2.94 14.83 5.77
N THR A 250 -4.16 15.18 5.39
CA THR A 250 -4.72 14.85 4.10
C THR A 250 -4.04 15.75 3.08
N PRO A 251 -3.59 15.17 1.96
CA PRO A 251 -2.90 15.99 0.94
C PRO A 251 -3.72 17.19 0.44
N TYR A 252 -3.02 18.28 0.10
CA TYR A 252 -3.63 19.48 -0.47
C TYR A 252 -4.75 20.12 0.39
N PRO A 253 -4.45 20.59 1.62
CA PRO A 253 -5.49 21.31 2.39
C PRO A 253 -5.98 22.52 1.58
N GLY A 254 -7.28 22.77 1.61
CA GLY A 254 -7.85 23.88 0.85
C GLY A 254 -8.25 23.54 -0.56
N VAL A 255 -7.86 22.35 -1.05
CA VAL A 255 -8.16 21.94 -2.41
C VAL A 255 -9.13 20.76 -2.40
N GLN A 256 -10.22 20.89 -3.13
CA GLN A 256 -11.21 19.84 -3.19
C GLN A 256 -10.88 18.83 -4.27
N ASN A 257 -11.33 17.60 -4.10
CA ASN A 257 -11.06 16.53 -5.05
C ASN A 257 -11.41 16.88 -6.48
N HIS A 258 -12.57 17.48 -6.75
CA HIS A 258 -12.98 17.83 -8.11
C HIS A 258 -12.05 18.86 -8.76
N GLU A 259 -11.29 19.64 -7.96
CA GLU A 259 -10.35 20.61 -8.53
C GLU A 259 -8.94 20.07 -8.73
N MET A 260 -8.65 18.84 -8.30
CA MET A 260 -7.30 18.31 -8.31
C MET A 260 -6.59 18.30 -9.65
N TYR A 261 -7.27 17.92 -10.72
CA TYR A 261 -6.64 17.87 -12.04
C TYR A 261 -6.22 19.26 -12.50
N ASP A 262 -7.13 20.25 -12.41
CA ASP A 262 -6.89 21.65 -12.81
C ASP A 262 -5.74 22.25 -11.96
N TYR A 263 -5.73 21.94 -10.67
CA TYR A 263 -4.71 22.39 -9.73
C TYR A 263 -3.32 21.94 -10.19
N LEU A 264 -3.14 20.63 -10.49
CA LEU A 264 -1.84 20.10 -10.91
C LEU A 264 -1.47 20.60 -12.32
N LEU A 265 -2.46 20.74 -13.19
CA LEU A 265 -2.32 21.27 -14.55
C LEU A 265 -1.75 22.71 -14.49
N HIS A 266 -2.10 23.50 -13.45
CA HIS A 266 -1.53 24.85 -13.28
C HIS A 266 -0.13 24.85 -12.63
N GLY A 267 0.46 23.66 -12.43
CA GLY A 267 1.80 23.51 -11.90
C GLY A 267 1.95 23.44 -10.40
N HIS A 268 0.84 23.58 -9.67
CA HIS A 268 0.88 23.56 -8.21
C HIS A 268 1.14 22.15 -7.64
N ARG A 269 1.91 22.07 -6.56
CA ARG A 269 2.24 20.81 -5.94
C ARG A 269 2.06 20.88 -4.40
N LEU A 270 2.22 19.72 -3.68
CA LEU A 270 2.16 19.70 -2.21
C LEU A 270 3.17 20.68 -1.63
N LYS A 271 2.77 21.50 -0.67
CA LYS A 271 3.65 22.50 -0.08
C LYS A 271 4.56 21.89 0.94
N GLN A 272 5.68 22.52 1.21
CA GLN A 272 6.63 22.02 2.19
C GLN A 272 6.06 22.01 3.60
N PRO A 273 6.09 20.84 4.25
CA PRO A 273 5.58 20.75 5.62
C PRO A 273 6.49 21.49 6.59
N GLU A 274 5.94 21.96 7.72
CA GLU A 274 6.74 22.64 8.74
C GLU A 274 7.85 21.71 9.28
N ASP A 275 9.06 22.27 9.49
CA ASP A 275 10.27 21.57 9.98
C ASP A 275 10.80 20.47 9.07
N CYS A 276 10.29 20.37 7.83
CA CYS A 276 10.72 19.38 6.85
C CYS A 276 12.01 19.93 6.27
N LEU A 277 13.12 19.17 6.38
CA LEU A 277 14.43 19.59 5.83
C LEU A 277 14.29 19.91 4.36
N ASP A 278 14.94 20.99 3.90
CA ASP A 278 14.85 21.40 2.49
C ASP A 278 15.31 20.26 1.54
N GLU A 279 16.26 19.43 1.98
CA GLU A 279 16.77 18.31 1.19
C GLU A 279 15.66 17.26 1.01
N LEU A 280 14.92 16.96 2.10
CA LEU A 280 13.81 16.02 2.08
C LEU A 280 12.69 16.49 1.17
N TYR A 281 12.35 17.77 1.25
CA TYR A 281 11.32 18.33 0.38
C TYR A 281 11.72 18.26 -1.10
N GLU A 282 13.02 18.42 -1.40
CA GLU A 282 13.49 18.32 -2.78
C GLU A 282 13.35 16.89 -3.30
N ILE A 283 13.61 15.89 -2.45
CA ILE A 283 13.38 14.50 -2.80
C ILE A 283 11.88 14.27 -3.10
N MET A 284 10.95 14.83 -2.30
CA MET A 284 9.51 14.68 -2.57
C MET A 284 9.13 15.39 -3.84
N TYR A 285 9.61 16.64 -4.05
CA TYR A 285 9.22 17.42 -5.22
C TYR A 285 9.65 16.72 -6.53
N SER A 286 10.76 15.98 -6.52
CA SER A 286 11.23 15.27 -7.71
C SER A 286 10.26 14.16 -8.16
N CYS A 287 9.41 13.67 -7.23
CA CYS A 287 8.44 12.65 -7.55
C CYS A 287 7.28 13.24 -8.32
N TRP A 288 7.08 14.58 -8.30
CA TRP A 288 5.94 15.22 -8.92
C TRP A 288 6.26 16.04 -10.17
N ARG A 289 7.38 15.75 -10.84
CA ARG A 289 7.72 16.41 -12.11
C ARG A 289 6.67 16.03 -13.15
N THR A 290 6.20 16.98 -13.94
CA THR A 290 5.13 16.78 -14.94
C THR A 290 5.38 15.60 -15.88
N ASP A 291 6.60 15.49 -16.40
CA ASP A 291 6.95 14.40 -17.30
C ASP A 291 7.34 13.24 -16.44
N PRO A 292 6.63 12.10 -16.57
CA PRO A 292 6.97 10.93 -15.76
C PRO A 292 8.41 10.47 -15.91
N LEU A 293 9.01 10.68 -17.10
CA LEU A 293 10.40 10.26 -17.35
C LEU A 293 11.43 11.10 -16.59
N ASP A 294 11.04 12.29 -16.11
CA ASP A 294 11.95 13.12 -15.32
C ASP A 294 11.99 12.72 -13.84
N ARG A 295 10.98 11.96 -13.34
CA ARG A 295 10.96 11.52 -11.93
C ARG A 295 12.02 10.48 -11.74
N PRO A 296 12.62 10.36 -10.56
CA PRO A 296 13.62 9.30 -10.36
C PRO A 296 12.99 7.91 -10.21
N THR A 297 13.84 6.88 -10.12
CA THR A 297 13.38 5.53 -9.87
C THR A 297 13.33 5.32 -8.37
N PHE A 298 12.72 4.21 -7.91
CA PHE A 298 12.70 3.88 -6.49
C PHE A 298 14.08 3.61 -5.94
N SER A 299 15.01 3.09 -6.77
CA SER A 299 16.39 2.81 -6.36
C SER A 299 17.13 4.11 -6.12
N VAL A 300 16.92 5.12 -6.98
CA VAL A 300 17.54 6.44 -6.77
C VAL A 300 16.98 7.10 -5.49
N LEU A 301 15.62 7.17 -5.37
CA LEU A 301 14.94 7.73 -4.18
C LEU A 301 15.43 7.07 -2.90
N ARG A 302 15.53 5.73 -2.92
CA ARG A 302 15.95 4.94 -1.78
C ARG A 302 17.35 5.30 -1.34
N LEU A 303 18.28 5.49 -2.30
CA LEU A 303 19.66 5.81 -1.97
C LEU A 303 19.75 7.21 -1.36
N GLN A 304 19.07 8.20 -1.98
CA GLN A 304 18.97 9.58 -1.51
C GLN A 304 18.42 9.69 -0.08
N LEU A 305 17.42 8.85 0.26
CA LEU A 305 16.82 8.87 1.60
C LEU A 305 17.74 8.19 2.61
N GLU A 306 18.45 7.13 2.19
CA GLU A 306 19.40 6.43 3.07
C GLU A 306 20.60 7.32 3.38
N LYS A 307 21.07 8.10 2.38
CA LYS A 307 22.16 9.04 2.52
C LYS A 307 21.76 10.19 3.43
N LEU A 308 20.55 10.75 3.21
CA LEU A 308 20.01 11.83 4.02
C LEU A 308 19.88 11.39 5.45
N LEU A 309 19.42 10.16 5.69
CA LEU A 309 19.27 9.60 7.04
C LEU A 309 20.65 9.43 7.73
N GLU A 310 21.65 8.96 6.98
CA GLU A 310 23.02 8.76 7.50
C GLU A 310 23.65 10.08 7.96
N SER A 311 23.40 11.18 7.23
CA SER A 311 23.92 12.50 7.53
C SER A 311 23.29 13.20 8.76
N LEU A 312 22.50 12.48 9.56
CA LEU A 312 21.85 13.08 10.72
C LEU A 312 22.25 12.41 12.02
N PRO A 313 22.27 13.16 13.14
CA PRO A 313 22.64 12.57 14.45
C PRO A 313 21.77 11.38 14.91
N1 A1APG B . -4.63 -5.00 10.82
N3 A1APG B . -4.06 -5.65 7.25
C4 A1APG B . -5.58 -3.88 7.58
C5 A1APG B . -4.79 -4.66 6.74
C6 A1APG B . -4.06 -5.83 8.58
C7 A1APG B . -3.15 -6.92 9.11
C8 A1APG B . -4.65 -4.36 5.27
C10 A1APG B . -5.34 -5.40 4.35
C13 A1APG B . -3.45 -7.92 0.05
C15 A1APG B . -4.59 -8.80 -1.89
C17 A1APG B . -5.75 -7.36 -0.31
C20 A1APG B . -5.56 -10.09 -5.31
C21 A1APG B . -4.57 -11.00 -5.56
C22 A1APG B . -3.58 -11.19 -4.64
C24 A1APG B . -4.78 -4.12 13.08
N A1APG B . -6.46 -2.81 12.93
C A1APG B . -7.42 -1.80 13.37
O A1APG B . -3.13 -7.18 10.32
C1 A1APG B . -6.36 -3.38 11.74
C11 A1APG B . -3.68 -6.19 2.51
C12 A1APG B . -4.60 -7.26 0.46
C14 A1APG B . -3.45 -8.68 -1.10
C16 A1APG B . -5.74 -8.12 -1.46
C18 A1APG B . -4.58 -9.56 -3.17
C19 A1APG B . -5.58 -9.38 -4.12
C2 A1APG B . -5.29 -4.23 11.79
C23 A1APG B . -3.57 -10.47 -3.45
C3 A1APG B . -4.82 -5.00 9.44
C9 A1APG B . -3.29 -4.77 4.64
N2 A1APG B . -5.61 -4.05 8.91
N4 A1APG B . -2.40 -7.57 8.21
N5 A1APG B . -4.06 -5.55 3.65
N6 A1APG B . -4.69 -6.56 1.68
N7 A1APG B . -5.48 -3.26 13.79
O1 A1APG B . -2.49 -6.37 2.26
CL CL C . -0.31 21.33 0.21
CL CL D . 6.05 25.51 -0.10
#